data_3WGL
#
_entry.id   3WGL
#
_cell.length_a   44.886
_cell.length_b   97.156
_cell.length_c   72.559
_cell.angle_alpha   90.000
_cell.angle_beta   102.410
_cell.angle_gamma   90.000
#
_symmetry.space_group_name_H-M   'P 1 21 1'
#
loop_
_entity.id
_entity.type
_entity.pdbx_description
1 polymer 'Cell division protein FtsZ'
2 non-polymer "GUANOSINE-5'-DIPHOSPHATE"
#
_entity_poly.entity_id   1
_entity_poly.type   'polypeptide(L)'
_entity_poly.pdbx_seq_one_letter_code
;GHMLEFEQGFNHLATLKVIGVGGGGNNAVNRMIDHGMNNVEFIAINTDGQALNLSKAESKIQIGEKLTRGLGAGANPEIG
KKAAEESREQIEDAIQGADMVFVTSGMGGGTGTGAAPVVAKIAKEMGALTVGVVTRPFSFEGRKRQTQAAAGVEAMKAAV
DTLIVIPNDRLLDIVDKSTPMMEAFKEADNVLRQGVQGISDLIAVGANLDFADVKTIMSNQGSALMGIGVSSGENRAVEA
AKKAISSPLLETSIVGAQGVLMNITGGESLSLFEAQEAADIVQDAADEDVNMIFGTVINPELQDEIVVTVIATGFDDKPT
SHGRKSGSTGFGTSVNTSSNATSKDESFTSNSSNAQATDSVSERTHTTKEDDIPSFIRNREERRSRRTRR
;
_entity_poly.pdbx_strand_id   A,B
#
loop_
_chem_comp.id
_chem_comp.type
_chem_comp.name
_chem_comp.formula
GDP RNA linking GUANOSINE-5'-DIPHOSPHATE 'C10 H15 N5 O11 P2'
#
# COMPACT_ATOMS: atom_id res chain seq x y z
N LEU A 13 -8.76 -19.06 8.41
CA LEU A 13 -7.81 -18.62 7.39
C LEU A 13 -6.68 -19.65 7.24
N ALA A 14 -5.59 -19.26 6.59
CA ALA A 14 -4.46 -20.15 6.37
C ALA A 14 -3.16 -19.51 6.83
N THR A 15 -2.22 -20.33 7.31
CA THR A 15 -0.94 -19.86 7.81
C THR A 15 0.16 -19.98 6.76
N LEU A 16 0.57 -18.85 6.20
CA LEU A 16 1.57 -18.84 5.14
C LEU A 16 2.93 -18.37 5.65
N LYS A 17 3.97 -19.15 5.39
CA LYS A 17 5.33 -18.79 5.80
C LYS A 17 6.28 -18.75 4.61
N VAL A 18 7.12 -17.72 4.57
CA VAL A 18 8.14 -17.58 3.53
C VAL A 18 9.52 -17.79 4.12
N ILE A 19 10.20 -18.85 3.67
CA ILE A 19 11.53 -19.15 4.17
C ILE A 19 12.58 -18.80 3.13
N GLY A 20 13.59 -18.04 3.53
CA GLY A 20 14.69 -17.70 2.66
C GLY A 20 15.89 -18.53 3.05
N VAL A 21 16.43 -19.29 2.10
CA VAL A 21 17.57 -20.15 2.37
C VAL A 21 18.79 -19.66 1.59
N GLY A 22 19.80 -19.22 2.33
CA GLY A 22 21.03 -18.75 1.72
C GLY A 22 21.11 -17.23 1.81
N GLY A 23 22.19 -16.67 1.29
CA GLY A 23 22.35 -15.22 1.28
C GLY A 23 21.39 -14.55 0.31
N GLY A 24 21.29 -15.11 -0.88
CA GLY A 24 20.41 -14.56 -1.91
C GLY A 24 18.95 -14.65 -1.52
N GLY A 25 18.55 -15.77 -0.95
CA GLY A 25 17.19 -15.94 -0.50
C GLY A 25 16.88 -15.01 0.66
N ASN A 26 17.85 -14.83 1.55
CA ASN A 26 17.70 -13.95 2.70
C ASN A 26 17.62 -12.48 2.30
N ASN A 27 18.36 -12.12 1.25
CA ASN A 27 18.35 -10.78 0.70
C ASN A 27 17.02 -10.46 0.00
N ALA A 28 16.46 -11.45 -0.68
CA ALA A 28 15.16 -11.32 -1.30
C ALA A 28 14.06 -11.14 -0.26
N VAL A 29 14.16 -11.89 0.84
CA VAL A 29 13.18 -11.83 1.92
C VAL A 29 13.25 -10.46 2.62
N ASN A 30 14.45 -9.90 2.70
CA ASN A 30 14.65 -8.57 3.26
C ASN A 30 13.87 -7.54 2.42
N ARG A 31 13.96 -7.71 1.11
CA ARG A 31 13.26 -6.85 0.16
C ARG A 31 11.74 -6.99 0.31
N MET A 32 11.28 -8.21 0.57
CA MET A 32 9.85 -8.47 0.75
C MET A 32 9.34 -7.73 1.97
N ILE A 33 10.09 -7.83 3.06
CA ILE A 33 9.75 -7.13 4.29
C ILE A 33 9.77 -5.62 4.05
N ASP A 34 10.82 -5.15 3.39
CA ASP A 34 11.01 -3.73 3.13
C ASP A 34 9.92 -3.17 2.22
N HIS A 35 9.45 -3.99 1.28
CA HIS A 35 8.51 -3.54 0.26
C HIS A 35 7.14 -3.30 0.89
N GLY A 36 6.89 -3.98 2.01
CA GLY A 36 5.61 -3.83 2.68
C GLY A 36 4.77 -5.08 2.54
N MET A 37 5.43 -6.22 2.34
CA MET A 37 4.72 -7.49 2.21
C MET A 37 4.12 -7.86 3.56
N ASN A 38 2.92 -8.42 3.51
CA ASN A 38 2.17 -8.73 4.70
C ASN A 38 1.40 -10.02 4.46
N ASN A 39 0.58 -10.42 5.43
CA ASN A 39 -0.30 -11.59 5.30
C ASN A 39 0.52 -12.87 5.42
N VAL A 40 1.83 -12.71 5.55
CA VAL A 40 2.75 -13.84 5.49
C VAL A 40 3.82 -13.74 6.59
N GLU A 41 4.49 -14.85 6.84
CA GLU A 41 5.47 -14.95 7.92
C GLU A 41 6.85 -15.27 7.36
N PHE A 42 7.84 -14.44 7.70
CA PHE A 42 9.16 -14.59 7.10
C PHE A 42 10.13 -15.35 8.01
N ILE A 43 10.90 -16.24 7.42
CA ILE A 43 11.89 -17.02 8.15
C ILE A 43 13.21 -16.97 7.37
N ALA A 44 14.32 -16.83 8.08
CA ALA A 44 15.62 -16.70 7.45
C ALA A 44 16.54 -17.82 7.89
N ILE A 45 17.01 -18.59 6.91
CA ILE A 45 17.87 -19.73 7.16
C ILE A 45 19.20 -19.54 6.44
N ASN A 46 20.29 -19.54 7.21
CA ASN A 46 21.62 -19.38 6.64
C ASN A 46 22.65 -20.13 7.47
N THR A 47 23.73 -20.55 6.82
CA THR A 47 24.87 -21.15 7.50
C THR A 47 25.82 -20.07 7.99
N ASP A 48 25.71 -18.90 7.36
CA ASP A 48 26.58 -17.77 7.65
C ASP A 48 25.91 -16.94 8.74
N GLY A 49 26.51 -16.93 9.93
CA GLY A 49 25.89 -16.31 11.09
C GLY A 49 25.87 -14.80 11.03
N GLN A 50 26.95 -14.22 10.51
CA GLN A 50 27.12 -12.78 10.50
C GLN A 50 26.19 -12.13 9.48
N ALA A 51 25.99 -12.80 8.34
CA ALA A 51 25.03 -12.35 7.34
C ALA A 51 23.59 -12.51 7.82
N LEU A 52 23.38 -13.46 8.70
CA LEU A 52 22.05 -13.70 9.27
C LEU A 52 21.70 -12.64 10.30
N ASN A 53 22.73 -11.96 10.79
CA ASN A 53 22.57 -10.85 11.72
C ASN A 53 21.89 -9.67 11.01
N LEU A 54 22.05 -9.62 9.69
CA LEU A 54 21.52 -8.53 8.87
C LEU A 54 20.10 -8.77 8.39
N SER A 55 19.47 -9.82 8.91
CA SER A 55 18.15 -10.21 8.44
C SER A 55 17.05 -9.45 9.17
N LYS A 56 16.12 -8.88 8.40
CA LYS A 56 14.96 -8.19 8.96
C LYS A 56 13.91 -9.20 9.39
N ALA A 57 14.10 -10.45 8.98
CA ALA A 57 13.17 -11.52 9.30
C ALA A 57 12.97 -11.66 10.81
N GLU A 58 11.74 -11.95 11.21
CA GLU A 58 11.40 -12.06 12.61
C GLU A 58 12.00 -13.32 13.24
N SER A 59 11.97 -14.41 12.49
CA SER A 59 12.54 -15.67 12.94
C SER A 59 13.82 -15.99 12.18
N LYS A 60 14.92 -16.18 12.90
CA LYS A 60 16.21 -16.47 12.27
C LYS A 60 16.74 -17.83 12.69
N ILE A 61 17.14 -18.65 11.72
CA ILE A 61 17.69 -19.98 11.99
C ILE A 61 19.06 -20.16 11.37
N GLN A 62 20.09 -20.29 12.20
CA GLN A 62 21.43 -20.58 11.71
C GLN A 62 21.62 -22.10 11.73
N ILE A 63 22.00 -22.66 10.59
CA ILE A 63 22.09 -24.11 10.44
C ILE A 63 23.53 -24.53 10.22
N GLY A 64 23.89 -25.69 10.76
CA GLY A 64 25.23 -26.20 10.59
C GLY A 64 26.24 -25.39 11.37
N GLU A 65 25.91 -25.09 12.62
CA GLU A 65 26.82 -24.40 13.52
C GLU A 65 28.05 -25.26 13.76
N LYS A 66 27.85 -26.57 13.84
CA LYS A 66 28.95 -27.49 14.01
C LYS A 66 29.76 -27.67 12.71
N LEU A 67 29.06 -27.91 11.60
CA LEU A 67 29.71 -28.17 10.32
C LEU A 67 30.44 -26.94 9.76
N THR A 68 29.85 -25.76 9.93
CA THR A 68 30.40 -24.55 9.31
C THR A 68 31.10 -23.61 10.31
N ARG A 69 30.76 -23.74 11.59
CA ARG A 69 31.26 -22.86 12.64
C ARG A 69 30.78 -21.41 12.40
N GLY A 70 29.64 -21.28 11.73
CA GLY A 70 29.08 -20.00 11.38
C GLY A 70 29.87 -19.26 10.30
N LEU A 71 30.77 -19.97 9.64
CA LEU A 71 31.68 -19.36 8.66
C LEU A 71 31.06 -19.31 7.25
N GLY A 72 30.13 -20.20 6.97
CA GLY A 72 29.51 -20.26 5.65
C GLY A 72 29.74 -21.59 4.96
N ALA A 73 29.12 -21.79 3.82
CA ALA A 73 29.17 -23.09 3.14
C ALA A 73 30.19 -23.15 2.00
N GLY A 74 30.91 -22.06 1.77
CA GLY A 74 31.98 -22.04 0.79
C GLY A 74 31.54 -22.37 -0.63
N ALA A 75 30.28 -22.12 -0.93
CA ALA A 75 29.66 -22.46 -2.21
C ALA A 75 29.69 -23.97 -2.46
N ASN A 76 29.67 -24.74 -1.37
CA ASN A 76 29.58 -26.19 -1.44
C ASN A 76 28.19 -26.66 -1.06
N PRO A 77 27.41 -27.14 -2.04
CA PRO A 77 26.06 -27.63 -1.81
C PRO A 77 26.03 -28.83 -0.85
N GLU A 78 27.12 -29.60 -0.82
CA GLU A 78 27.20 -30.72 0.12
C GLU A 78 27.23 -30.24 1.56
N ILE A 79 27.95 -29.16 1.81
CA ILE A 79 28.02 -28.60 3.15
C ILE A 79 26.66 -28.05 3.56
N GLY A 80 26.02 -27.32 2.65
CA GLY A 80 24.75 -26.68 2.94
C GLY A 80 23.69 -27.71 3.27
N LYS A 81 23.72 -28.81 2.53
CA LYS A 81 22.77 -29.90 2.74
C LYS A 81 22.92 -30.52 4.13
N LYS A 82 24.12 -30.96 4.48
CA LYS A 82 24.36 -31.58 5.77
C LYS A 82 24.00 -30.61 6.90
N ALA A 83 24.23 -29.33 6.65
CA ALA A 83 23.93 -28.29 7.61
C ALA A 83 22.44 -28.28 7.94
N ALA A 84 21.63 -28.43 6.92
CA ALA A 84 20.19 -28.48 7.10
C ALA A 84 19.79 -29.78 7.80
N GLU A 85 20.40 -30.89 7.39
CA GLU A 85 20.14 -32.19 8.01
C GLU A 85 20.52 -32.18 9.48
N GLU A 86 21.65 -31.54 9.78
CA GLU A 86 22.12 -31.45 11.15
C GLU A 86 21.15 -30.64 12.01
N SER A 87 20.54 -29.63 11.40
CA SER A 87 19.57 -28.78 12.09
C SER A 87 18.16 -29.03 11.58
N ARG A 88 17.89 -30.26 11.15
CA ARG A 88 16.55 -30.64 10.69
C ARG A 88 15.51 -30.43 11.79
N GLU A 89 15.91 -30.71 13.03
CA GLU A 89 15.02 -30.58 14.17
C GLU A 89 14.55 -29.14 14.36
N GLN A 90 15.49 -28.20 14.24
CA GLN A 90 15.19 -26.77 14.40
C GLN A 90 14.36 -26.20 13.26
N ILE A 91 14.56 -26.72 12.05
CA ILE A 91 13.78 -26.31 10.88
C ILE A 91 12.30 -26.70 11.03
N GLU A 92 12.06 -27.87 11.61
CA GLU A 92 10.71 -28.40 11.75
C GLU A 92 9.82 -27.52 12.63
N ASP A 93 10.41 -26.94 13.68
CA ASP A 93 9.67 -26.07 14.59
C ASP A 93 9.20 -24.81 13.88
N ALA A 94 10.04 -24.32 12.96
CA ALA A 94 9.73 -23.11 12.21
C ALA A 94 8.57 -23.34 11.24
N ILE A 95 8.58 -24.51 10.61
CA ILE A 95 7.57 -24.87 9.62
C ILE A 95 6.27 -25.31 10.30
N GLN A 96 6.35 -25.62 11.59
CA GLN A 96 5.18 -26.16 12.29
C GLN A 96 3.99 -25.20 12.29
N GLY A 97 2.84 -25.72 11.89
CA GLY A 97 1.59 -24.96 11.88
C GLY A 97 1.30 -24.31 10.55
N ALA A 98 2.21 -24.48 9.59
CA ALA A 98 2.10 -23.77 8.32
C ALA A 98 1.22 -24.53 7.34
N ASP A 99 0.26 -23.81 6.76
CA ASP A 99 -0.59 -24.38 5.72
C ASP A 99 0.13 -24.33 4.38
N MET A 100 0.95 -23.30 4.20
CA MET A 100 1.75 -23.15 2.98
C MET A 100 3.17 -22.68 3.30
N VAL A 101 4.14 -23.24 2.58
CA VAL A 101 5.53 -22.82 2.73
C VAL A 101 6.15 -22.37 1.41
N PHE A 102 6.79 -21.21 1.45
CA PHE A 102 7.55 -20.70 0.32
C PHE A 102 9.03 -20.79 0.63
N VAL A 103 9.79 -21.41 -0.27
CA VAL A 103 11.23 -21.53 -0.08
C VAL A 103 11.87 -20.63 -1.11
N THR A 104 12.47 -19.54 -0.64
CA THR A 104 13.04 -18.53 -1.54
C THR A 104 14.55 -18.61 -1.46
N SER A 105 15.18 -18.75 -2.62
CA SER A 105 16.61 -18.98 -2.66
C SER A 105 17.21 -18.68 -4.03
N GLY A 106 18.53 -18.73 -4.11
CA GLY A 106 19.21 -18.58 -5.37
C GLY A 106 20.12 -19.77 -5.50
N MET A 107 20.22 -20.33 -6.70
CA MET A 107 20.90 -21.61 -6.85
C MET A 107 22.25 -21.42 -7.53
N GLY A 108 23.20 -22.29 -7.20
CA GLY A 108 24.58 -22.13 -7.63
C GLY A 108 25.50 -21.90 -6.45
N GLY A 109 24.90 -21.76 -5.27
CA GLY A 109 25.65 -21.50 -4.05
C GLY A 109 25.71 -22.74 -3.18
N GLY A 110 26.17 -22.57 -1.94
CA GLY A 110 26.24 -23.70 -1.02
C GLY A 110 25.01 -23.87 -0.15
N THR A 111 24.65 -22.81 0.57
CA THR A 111 23.52 -22.87 1.49
C THR A 111 22.20 -23.02 0.73
N GLY A 112 22.06 -22.29 -0.36
CA GLY A 112 20.82 -22.33 -1.13
C GLY A 112 20.63 -23.62 -1.92
N THR A 113 21.66 -24.02 -2.66
CA THR A 113 21.58 -25.23 -3.47
C THR A 113 21.40 -26.50 -2.66
N GLY A 114 22.13 -26.61 -1.57
CA GLY A 114 22.11 -27.80 -0.74
C GLY A 114 20.99 -27.88 0.29
N ALA A 115 20.78 -26.80 1.04
CA ALA A 115 19.88 -26.83 2.18
C ALA A 115 18.43 -26.55 1.85
N ALA A 116 18.18 -25.83 0.75
CA ALA A 116 16.80 -25.48 0.40
C ALA A 116 15.96 -26.69 -0.04
N PRO A 117 16.57 -27.67 -0.75
CA PRO A 117 15.77 -28.88 -0.99
C PRO A 117 15.42 -29.63 0.29
N VAL A 118 16.24 -29.51 1.33
CA VAL A 118 15.95 -30.13 2.62
C VAL A 118 14.76 -29.46 3.30
N VAL A 119 14.76 -28.12 3.35
CA VAL A 119 13.67 -27.37 3.95
C VAL A 119 12.37 -27.64 3.21
N ALA A 120 12.49 -27.76 1.90
CA ALA A 120 11.34 -28.03 1.05
C ALA A 120 10.76 -29.41 1.34
N LYS A 121 11.64 -30.39 1.54
CA LYS A 121 11.22 -31.76 1.87
C LYS A 121 10.56 -31.81 3.25
N ILE A 122 11.19 -31.15 4.22
CA ILE A 122 10.68 -31.12 5.59
C ILE A 122 9.29 -30.49 5.63
N ALA A 123 9.08 -29.44 4.84
CA ALA A 123 7.79 -28.76 4.82
C ALA A 123 6.71 -29.62 4.17
N LYS A 124 7.01 -30.17 2.99
CA LYS A 124 6.05 -30.96 2.23
C LYS A 124 5.61 -32.20 3.00
N GLU A 125 6.57 -32.81 3.69
CA GLU A 125 6.31 -33.98 4.53
C GLU A 125 5.38 -33.65 5.69
N MET A 126 5.45 -32.41 6.17
CA MET A 126 4.66 -31.97 7.31
C MET A 126 3.27 -31.52 6.89
N GLY A 127 2.93 -31.75 5.63
CA GLY A 127 1.60 -31.49 5.12
C GLY A 127 1.36 -30.08 4.61
N ALA A 128 2.42 -29.28 4.58
CA ALA A 128 2.30 -27.93 4.03
C ALA A 128 2.28 -27.95 2.51
N LEU A 129 1.77 -26.88 1.91
CA LEU A 129 1.83 -26.73 0.46
C LEU A 129 3.14 -26.05 0.11
N THR A 130 4.04 -26.81 -0.51
CA THR A 130 5.39 -26.32 -0.76
C THR A 130 5.59 -25.80 -2.18
N VAL A 131 5.68 -24.49 -2.31
CA VAL A 131 6.09 -23.87 -3.55
C VAL A 131 7.47 -23.27 -3.32
N GLY A 132 8.36 -23.44 -4.29
CA GLY A 132 9.69 -22.86 -4.17
C GLY A 132 9.88 -21.86 -5.27
N VAL A 133 10.30 -20.67 -4.88
CA VAL A 133 10.58 -19.61 -5.84
C VAL A 133 12.07 -19.33 -5.79
N VAL A 134 12.79 -19.79 -6.80
CA VAL A 134 14.24 -19.71 -6.82
C VAL A 134 14.73 -19.11 -8.13
N THR A 135 16.02 -18.80 -8.18
CA THR A 135 16.61 -18.18 -9.36
C THR A 135 17.74 -19.04 -9.90
N ARG A 136 18.14 -18.72 -11.12
CA ARG A 136 19.25 -19.38 -11.77
C ARG A 136 20.28 -18.27 -11.96
N PRO A 137 21.56 -18.58 -11.71
CA PRO A 137 22.61 -17.55 -11.72
C PRO A 137 22.76 -16.96 -13.11
N PHE A 138 23.48 -15.84 -13.20
CA PHE A 138 23.77 -15.25 -14.49
C PHE A 138 24.74 -16.17 -15.21
N SER A 139 24.89 -15.98 -16.52
CA SER A 139 25.80 -16.83 -17.27
C SER A 139 27.24 -16.53 -16.87
N PHE A 140 27.47 -15.30 -16.42
CA PHE A 140 28.82 -14.87 -16.07
C PHE A 140 29.27 -15.29 -14.68
N GLU A 141 28.35 -15.84 -13.89
CA GLU A 141 28.65 -16.13 -12.50
C GLU A 141 29.66 -17.26 -12.35
N GLY A 142 29.84 -18.02 -13.42
CA GLY A 142 30.76 -19.14 -13.40
C GLY A 142 30.32 -20.21 -14.38
N ARG A 143 30.97 -21.36 -14.30
CA ARG A 143 30.51 -22.54 -15.00
C ARG A 143 30.11 -23.57 -13.94
N LYS A 144 30.80 -23.52 -12.81
CA LYS A 144 30.44 -24.35 -11.66
C LYS A 144 29.10 -23.94 -11.08
N ARG A 145 28.86 -22.64 -11.03
CA ARG A 145 27.63 -22.11 -10.44
C ARG A 145 26.40 -22.51 -11.24
N GLN A 146 26.52 -22.45 -12.57
CA GLN A 146 25.44 -22.88 -13.44
C GLN A 146 25.23 -24.38 -13.29
N THR A 147 26.34 -25.09 -13.13
CA THR A 147 26.31 -26.55 -12.97
C THR A 147 25.60 -26.93 -11.67
N GLN A 148 25.93 -26.26 -10.57
CA GLN A 148 25.27 -26.58 -9.30
C GLN A 148 23.86 -26.01 -9.25
N ALA A 149 23.57 -25.06 -10.12
CA ALA A 149 22.22 -24.52 -10.21
C ALA A 149 21.27 -25.57 -10.75
N ALA A 150 21.67 -26.17 -11.87
CA ALA A 150 20.83 -27.15 -12.54
C ALA A 150 20.55 -28.34 -11.63
N ALA A 151 21.59 -28.80 -10.94
CA ALA A 151 21.44 -29.89 -9.99
C ALA A 151 20.58 -29.47 -8.81
N GLY A 152 20.67 -28.20 -8.44
CA GLY A 152 19.89 -27.66 -7.34
C GLY A 152 18.41 -27.57 -7.67
N VAL A 153 18.12 -27.19 -8.91
CA VAL A 153 16.74 -27.10 -9.37
C VAL A 153 16.10 -28.49 -9.40
N GLU A 154 16.85 -29.48 -9.86
CA GLU A 154 16.33 -30.85 -9.94
C GLU A 154 16.07 -31.38 -8.53
N ALA A 155 16.93 -31.02 -7.59
CA ALA A 155 16.73 -31.42 -6.21
C ALA A 155 15.59 -30.62 -5.59
N MET A 156 15.24 -29.51 -6.23
CA MET A 156 14.12 -28.70 -5.77
C MET A 156 12.81 -29.21 -6.38
N LYS A 157 12.86 -29.61 -7.65
CA LYS A 157 11.68 -30.10 -8.34
C LYS A 157 11.08 -31.29 -7.62
N ALA A 158 11.94 -32.21 -7.19
CA ALA A 158 11.50 -33.38 -6.44
C ALA A 158 10.95 -33.04 -5.06
N ALA A 159 11.57 -32.05 -4.41
CA ALA A 159 11.26 -31.75 -3.01
C ALA A 159 10.00 -30.90 -2.82
N VAL A 160 9.52 -30.28 -3.90
CA VAL A 160 8.42 -29.32 -3.77
C VAL A 160 7.20 -29.77 -4.57
N ASP A 161 6.06 -29.19 -4.25
CA ASP A 161 4.84 -29.40 -5.04
C ASP A 161 4.97 -28.68 -6.38
N THR A 162 5.15 -27.36 -6.31
CA THR A 162 5.35 -26.53 -7.49
C THR A 162 6.63 -25.72 -7.36
N LEU A 163 7.38 -25.60 -8.46
CA LEU A 163 8.62 -24.82 -8.46
C LEU A 163 8.64 -23.76 -9.55
N ILE A 164 8.88 -22.52 -9.17
CA ILE A 164 9.08 -21.45 -10.14
C ILE A 164 10.56 -21.05 -10.17
N VAL A 165 11.17 -21.21 -11.34
CA VAL A 165 12.58 -20.88 -11.54
C VAL A 165 12.72 -19.72 -12.50
N ILE A 166 13.38 -18.65 -12.06
CA ILE A 166 13.57 -17.48 -12.91
C ILE A 166 15.05 -17.27 -13.22
N PRO A 167 15.46 -17.62 -14.45
CA PRO A 167 16.84 -17.39 -14.86
C PRO A 167 17.19 -15.91 -14.79
N ASN A 168 18.28 -15.57 -14.10
CA ASN A 168 18.68 -14.18 -13.95
C ASN A 168 19.04 -13.57 -15.30
N ASP A 169 19.36 -14.44 -16.25
CA ASP A 169 19.76 -14.03 -17.59
C ASP A 169 18.61 -13.35 -18.34
N ARG A 170 17.38 -13.67 -17.97
CA ARG A 170 16.21 -13.05 -18.58
C ARG A 170 15.92 -11.69 -17.97
N LEU A 171 16.56 -11.39 -16.85
CA LEU A 171 16.39 -10.11 -16.17
C LEU A 171 17.44 -9.12 -16.66
N LEU A 172 18.22 -9.55 -17.66
CA LEU A 172 19.39 -8.81 -18.12
C LEU A 172 19.01 -7.60 -18.98
N ASP A 173 17.79 -7.62 -19.53
CA ASP A 173 17.29 -6.47 -20.29
C ASP A 173 16.74 -5.35 -19.40
N ILE A 174 16.28 -5.72 -18.21
CA ILE A 174 15.70 -4.76 -17.28
C ILE A 174 16.66 -4.30 -16.17
N VAL A 175 17.90 -4.77 -16.20
CA VAL A 175 18.90 -4.30 -15.24
C VAL A 175 19.26 -2.83 -15.48
N ASP A 176 19.52 -2.11 -14.38
CA ASP A 176 19.74 -0.68 -14.42
C ASP A 176 21.16 -0.37 -14.89
N LYS A 177 21.29 0.59 -15.80
CA LYS A 177 22.59 0.90 -16.41
C LYS A 177 23.58 1.35 -15.34
N SER A 178 24.86 1.17 -15.63
CA SER A 178 25.97 1.54 -14.73
C SER A 178 25.91 0.87 -13.34
N THR A 179 25.08 -0.16 -13.20
CA THR A 179 24.97 -0.89 -11.93
C THR A 179 26.23 -1.72 -11.69
N PRO A 180 26.69 -1.79 -10.42
CA PRO A 180 27.84 -2.65 -10.11
C PRO A 180 27.44 -4.10 -9.90
N MET A 181 28.43 -4.98 -9.85
CA MET A 181 28.21 -6.42 -9.70
C MET A 181 27.57 -6.76 -8.36
N MET A 182 27.75 -5.88 -7.38
CA MET A 182 27.28 -6.11 -6.02
C MET A 182 25.78 -5.84 -5.94
N GLU A 183 25.28 -5.07 -6.90
CA GLU A 183 23.85 -4.74 -6.93
C GLU A 183 23.17 -5.42 -8.12
N ALA A 184 23.79 -6.47 -8.65
CA ALA A 184 23.31 -7.12 -9.87
C ALA A 184 21.99 -7.85 -9.66
N PHE A 185 21.68 -8.19 -8.43
CA PHE A 185 20.54 -9.07 -8.14
C PHE A 185 19.36 -8.31 -7.53
N LYS A 186 19.29 -6.99 -7.75
CA LYS A 186 18.18 -6.19 -7.27
C LYS A 186 16.87 -6.60 -7.95
N GLU A 187 16.95 -6.91 -9.24
CA GLU A 187 15.80 -7.37 -9.99
C GLU A 187 15.38 -8.78 -9.59
N ALA A 188 16.35 -9.59 -9.16
CA ALA A 188 16.06 -10.93 -8.68
C ALA A 188 15.27 -10.84 -7.37
N ASP A 189 15.62 -9.87 -6.54
CA ASP A 189 14.90 -9.63 -5.29
C ASP A 189 13.48 -9.17 -5.57
N ASN A 190 13.29 -8.44 -6.65
CA ASN A 190 11.94 -8.03 -7.07
C ASN A 190 11.12 -9.19 -7.63
N VAL A 191 11.66 -9.88 -8.63
CA VAL A 191 10.93 -10.96 -9.30
C VAL A 191 10.60 -12.08 -8.32
N LEU A 192 11.48 -12.30 -7.35
CA LEU A 192 11.22 -13.26 -6.28
C LEU A 192 10.06 -12.78 -5.41
N ARG A 193 9.97 -11.47 -5.20
CA ARG A 193 8.85 -10.88 -4.48
C ARG A 193 7.54 -11.03 -5.24
N GLN A 194 7.58 -10.75 -6.54
CA GLN A 194 6.40 -10.80 -7.40
C GLN A 194 5.74 -12.17 -7.39
N GLY A 195 6.57 -13.21 -7.43
CA GLY A 195 6.09 -14.58 -7.41
C GLY A 195 5.51 -14.99 -6.07
N VAL A 196 6.22 -14.65 -5.00
CA VAL A 196 5.75 -14.97 -3.66
C VAL A 196 4.53 -14.13 -3.29
N GLN A 197 4.57 -12.84 -3.61
CA GLN A 197 3.46 -11.94 -3.32
C GLN A 197 2.23 -12.21 -4.16
N GLY A 198 2.43 -12.56 -5.43
CA GLY A 198 1.32 -12.79 -6.33
C GLY A 198 0.42 -13.90 -5.84
N ILE A 199 1.04 -14.94 -5.28
CA ILE A 199 0.32 -16.03 -4.63
C ILE A 199 -0.17 -15.72 -3.22
N SER A 200 0.68 -15.11 -2.40
CA SER A 200 0.35 -14.86 -1.00
C SER A 200 -0.83 -13.91 -0.84
N ASP A 201 -0.83 -12.85 -1.64
CA ASP A 201 -1.88 -11.83 -1.64
C ASP A 201 -3.22 -12.45 -2.06
N LEU A 202 -3.16 -13.39 -3.00
CA LEU A 202 -4.35 -13.97 -3.59
C LEU A 202 -5.04 -14.91 -2.60
N ILE A 203 -4.26 -15.68 -1.84
CA ILE A 203 -4.84 -16.53 -0.80
C ILE A 203 -5.41 -15.72 0.36
N ALA A 204 -4.57 -14.90 0.96
CA ALA A 204 -4.91 -14.13 2.15
C ALA A 204 -5.98 -13.04 1.95
N VAL A 205 -6.01 -12.43 0.77
CA VAL A 205 -6.91 -11.30 0.53
C VAL A 205 -7.80 -11.49 -0.70
N GLY A 206 -7.45 -12.45 -1.55
CA GLY A 206 -8.20 -12.74 -2.77
C GLY A 206 -9.69 -12.95 -2.57
N ALA A 207 -10.47 -12.58 -3.59
CA ALA A 207 -11.93 -12.59 -3.47
C ALA A 207 -12.59 -13.88 -3.92
N ASN A 208 -12.23 -14.34 -5.11
CA ASN A 208 -12.83 -15.53 -5.71
C ASN A 208 -12.03 -16.80 -5.39
N LEU A 209 -11.18 -16.72 -4.38
CA LEU A 209 -10.19 -17.74 -4.13
C LEU A 209 -10.43 -18.59 -2.88
N ASP A 210 -10.41 -19.91 -3.08
CA ASP A 210 -10.43 -20.85 -1.96
C ASP A 210 -9.21 -21.76 -2.01
N PHE A 211 -8.64 -22.04 -0.84
CA PHE A 211 -7.31 -22.64 -0.71
C PHE A 211 -7.22 -24.01 -1.37
N ALA A 212 -8.29 -24.79 -1.29
CA ALA A 212 -8.27 -26.16 -1.82
C ALA A 212 -8.07 -26.19 -3.33
N ASP A 213 -8.53 -25.14 -4.00
CA ASP A 213 -8.31 -24.99 -5.44
C ASP A 213 -6.84 -24.75 -5.74
N VAL A 214 -6.20 -23.90 -4.92
CA VAL A 214 -4.77 -23.64 -5.08
C VAL A 214 -4.00 -24.91 -4.83
N LYS A 215 -4.42 -25.63 -3.81
CA LYS A 215 -3.79 -26.88 -3.42
C LYS A 215 -3.86 -27.84 -4.61
N THR A 216 -5.02 -27.91 -5.25
CA THR A 216 -5.21 -28.78 -6.39
C THR A 216 -4.35 -28.34 -7.58
N ILE A 217 -4.39 -27.05 -7.88
CA ILE A 217 -3.67 -26.49 -9.01
C ILE A 217 -2.15 -26.55 -8.80
N MET A 218 -1.70 -26.56 -7.56
CA MET A 218 -0.28 -26.42 -7.29
C MET A 218 0.40 -27.59 -6.58
N SER A 219 -0.30 -28.70 -6.39
CA SER A 219 0.29 -29.83 -5.65
C SER A 219 0.88 -30.84 -6.62
N ASN A 220 2.16 -31.17 -6.39
CA ASN A 220 2.89 -32.17 -7.14
C ASN A 220 2.88 -31.93 -8.65
N GLN A 221 2.69 -30.66 -9.03
CA GLN A 221 2.70 -30.25 -10.43
C GLN A 221 4.10 -30.25 -11.03
N GLY A 222 5.07 -29.75 -10.27
CA GLY A 222 6.42 -29.63 -10.76
C GLY A 222 6.77 -28.21 -11.19
N SER A 223 7.17 -28.06 -12.44
CA SER A 223 7.61 -26.75 -12.94
C SER A 223 6.44 -25.81 -13.18
N ALA A 224 6.72 -24.52 -13.10
CA ALA A 224 5.72 -23.49 -13.33
C ALA A 224 6.33 -22.27 -13.99
N LEU A 225 5.47 -21.38 -14.46
CA LEU A 225 5.90 -20.16 -15.12
C LEU A 225 5.21 -18.98 -14.46
N MET A 226 5.85 -17.82 -14.52
CA MET A 226 5.31 -16.64 -13.88
C MET A 226 5.25 -15.47 -14.86
N GLY A 227 4.11 -14.80 -14.92
CA GLY A 227 3.95 -13.63 -15.74
C GLY A 227 3.27 -12.51 -14.98
N ILE A 228 3.86 -11.32 -15.03
CA ILE A 228 3.26 -10.15 -14.42
C ILE A 228 3.10 -9.06 -15.46
N GLY A 229 1.93 -8.45 -15.50
CA GLY A 229 1.66 -7.35 -16.40
C GLY A 229 1.00 -6.21 -15.66
N VAL A 230 1.40 -4.99 -15.98
CA VAL A 230 0.86 -3.80 -15.34
C VAL A 230 0.28 -2.86 -16.40
N SER A 231 -0.88 -2.30 -16.11
CA SER A 231 -1.52 -1.36 -17.01
C SER A 231 -2.46 -0.44 -16.25
N SER A 232 -2.72 0.74 -16.79
CA SER A 232 -3.52 1.74 -16.10
C SER A 232 -4.53 2.42 -17.01
N GLY A 233 -4.87 1.78 -18.13
CA GLY A 233 -5.73 2.41 -19.12
C GLY A 233 -7.21 2.22 -18.90
N GLU A 234 -8.01 2.54 -19.91
CA GLU A 234 -9.45 2.25 -19.88
C GLU A 234 -9.69 0.75 -19.85
N ASN A 235 -8.94 0.02 -20.68
CA ASN A 235 -9.06 -1.42 -20.75
C ASN A 235 -7.80 -2.03 -20.17
N ARG A 236 -7.49 -1.61 -18.95
CA ARG A 236 -6.29 -2.01 -18.23
C ARG A 236 -6.29 -3.50 -17.94
N ALA A 237 -7.48 -4.05 -17.73
CA ALA A 237 -7.62 -5.45 -17.37
C ALA A 237 -7.16 -6.30 -18.55
N VAL A 238 -7.59 -5.90 -19.74
CA VAL A 238 -7.19 -6.56 -20.97
C VAL A 238 -5.70 -6.34 -21.25
N GLU A 239 -5.26 -5.09 -21.07
CA GLU A 239 -3.88 -4.71 -21.35
C GLU A 239 -2.89 -5.40 -20.42
N ALA A 240 -3.16 -5.34 -19.11
CA ALA A 240 -2.28 -5.95 -18.12
C ALA A 240 -2.23 -7.46 -18.24
N ALA A 241 -3.36 -8.07 -18.56
CA ALA A 241 -3.41 -9.52 -18.77
C ALA A 241 -2.67 -9.92 -20.04
N LYS A 242 -2.79 -9.10 -21.08
CA LYS A 242 -2.09 -9.36 -22.33
C LYS A 242 -0.60 -9.20 -22.14
N LYS A 243 -0.21 -8.26 -21.28
CA LYS A 243 1.19 -8.09 -20.91
C LYS A 243 1.66 -9.27 -20.08
N ALA A 244 0.75 -9.79 -19.27
CA ALA A 244 1.06 -10.91 -18.38
C ALA A 244 1.34 -12.19 -19.16
N ILE A 245 0.51 -12.49 -20.15
CA ILE A 245 0.67 -13.71 -20.93
C ILE A 245 1.76 -13.57 -21.97
N SER A 246 2.15 -12.33 -22.23
CA SER A 246 3.24 -12.04 -23.14
C SER A 246 4.49 -11.60 -22.38
N SER A 247 4.54 -11.98 -21.10
CA SER A 247 5.58 -11.50 -20.20
C SER A 247 6.93 -12.07 -20.63
N PRO A 248 8.01 -11.33 -20.36
CA PRO A 248 9.34 -11.85 -20.68
C PRO A 248 9.85 -12.86 -19.65
N LEU A 249 9.10 -13.09 -18.58
CA LEU A 249 9.56 -13.99 -17.54
C LEU A 249 9.25 -15.46 -17.80
N LEU A 250 8.30 -15.74 -18.70
CA LEU A 250 7.94 -17.13 -19.01
C LEU A 250 8.88 -17.66 -20.10
N GLU A 251 9.47 -18.84 -19.86
CA GLU A 251 10.39 -19.44 -20.84
C GLU A 251 9.67 -19.84 -22.12
N THR A 252 8.38 -20.17 -22.01
CA THR A 252 7.62 -20.69 -23.13
C THR A 252 6.16 -20.24 -23.05
N SER A 253 5.39 -20.58 -24.08
CA SER A 253 3.98 -20.24 -24.09
C SER A 253 3.23 -20.98 -22.99
N ILE A 254 2.13 -20.38 -22.56
CA ILE A 254 1.41 -20.82 -21.37
C ILE A 254 0.43 -21.94 -21.77
N VAL A 255 0.32 -22.16 -23.07
CA VAL A 255 -0.69 -23.07 -23.64
C VAL A 255 -0.51 -24.51 -23.15
N GLY A 256 0.71 -24.86 -22.76
CA GLY A 256 1.00 -26.23 -22.32
C GLY A 256 0.59 -26.49 -20.90
N ALA A 257 0.15 -25.45 -20.21
CA ALA A 257 -0.23 -25.55 -18.80
C ALA A 257 -1.59 -26.23 -18.69
N GLN A 258 -1.75 -27.13 -17.72
CA GLN A 258 -3.05 -27.70 -17.43
C GLN A 258 -3.64 -27.09 -16.16
N GLY A 259 -3.02 -25.99 -15.70
CA GLY A 259 -3.57 -25.20 -14.62
C GLY A 259 -3.04 -23.78 -14.66
N VAL A 260 -3.89 -22.81 -14.33
CA VAL A 260 -3.48 -21.41 -14.28
C VAL A 260 -4.02 -20.74 -13.03
N LEU A 261 -3.13 -20.05 -12.31
CA LEU A 261 -3.57 -19.32 -11.15
C LEU A 261 -3.38 -17.85 -11.51
N MET A 262 -4.44 -17.05 -11.37
CA MET A 262 -4.37 -15.65 -11.78
C MET A 262 -4.68 -14.70 -10.63
N ASN A 263 -3.82 -13.70 -10.48
CA ASN A 263 -4.04 -12.65 -9.51
C ASN A 263 -4.30 -11.35 -10.25
N ILE A 264 -5.47 -10.78 -10.04
CA ILE A 264 -5.73 -9.43 -10.53
C ILE A 264 -5.78 -8.53 -9.31
N THR A 265 -4.81 -7.62 -9.23
CA THR A 265 -4.69 -6.71 -8.09
C THR A 265 -4.94 -5.29 -8.55
N GLY A 266 -5.80 -4.59 -7.84
CA GLY A 266 -6.23 -3.26 -8.23
C GLY A 266 -6.81 -2.56 -7.02
N GLY A 267 -7.29 -1.34 -7.22
CA GLY A 267 -7.85 -0.58 -6.12
C GLY A 267 -9.32 -0.89 -6.03
N GLU A 268 -10.11 0.07 -5.56
CA GLU A 268 -11.52 -0.15 -5.35
C GLU A 268 -12.31 -0.03 -6.66
N SER A 269 -11.66 0.49 -7.69
CA SER A 269 -12.29 0.67 -8.98
C SER A 269 -12.33 -0.62 -9.79
N LEU A 270 -11.68 -1.66 -9.26
CA LEU A 270 -11.59 -2.94 -9.96
C LEU A 270 -12.87 -3.72 -9.77
N SER A 271 -13.52 -4.03 -10.89
CA SER A 271 -14.86 -4.60 -10.87
C SER A 271 -14.89 -6.08 -11.18
N LEU A 272 -16.06 -6.68 -10.99
CA LEU A 272 -16.30 -8.07 -11.36
C LEU A 272 -16.19 -8.22 -12.87
N PHE A 273 -16.64 -7.21 -13.58
CA PHE A 273 -16.56 -7.19 -15.04
C PHE A 273 -15.12 -7.15 -15.50
N GLU A 274 -14.34 -6.28 -14.88
CA GLU A 274 -12.93 -6.10 -15.21
C GLU A 274 -12.14 -7.38 -14.97
N ALA A 275 -12.43 -8.04 -13.85
CA ALA A 275 -11.72 -9.24 -13.46
C ALA A 275 -11.92 -10.40 -14.43
N GLN A 276 -13.16 -10.66 -14.82
CA GLN A 276 -13.44 -11.75 -15.74
C GLN A 276 -12.91 -11.43 -17.14
N GLU A 277 -13.11 -10.19 -17.56
CA GLU A 277 -12.67 -9.72 -18.87
C GLU A 277 -11.16 -9.86 -19.04
N ALA A 278 -10.42 -9.67 -17.94
CA ALA A 278 -8.98 -9.92 -17.91
C ALA A 278 -8.67 -11.41 -17.93
N ALA A 279 -9.56 -12.20 -17.32
CA ALA A 279 -9.31 -13.62 -17.14
C ALA A 279 -9.59 -14.37 -18.45
N ASP A 280 -10.36 -13.73 -19.32
CA ASP A 280 -10.66 -14.29 -20.64
C ASP A 280 -9.40 -14.31 -21.50
N ILE A 281 -8.56 -13.31 -21.34
CA ILE A 281 -7.30 -13.21 -22.08
C ILE A 281 -6.38 -14.37 -21.72
N VAL A 282 -6.33 -14.69 -20.43
CA VAL A 282 -5.43 -15.71 -19.92
C VAL A 282 -5.93 -17.11 -20.29
N GLN A 283 -7.21 -17.24 -20.55
CA GLN A 283 -7.80 -18.56 -20.77
C GLN A 283 -7.78 -18.97 -22.24
N ASP A 284 -7.83 -17.99 -23.15
CA ASP A 284 -7.62 -18.25 -24.57
C ASP A 284 -6.17 -18.62 -24.81
N ALA A 285 -5.28 -17.96 -24.08
CA ALA A 285 -3.83 -18.12 -24.28
C ALA A 285 -3.33 -19.44 -23.69
N ALA A 286 -4.25 -20.28 -23.25
CA ALA A 286 -3.91 -21.56 -22.65
C ALA A 286 -4.81 -22.64 -23.25
N ASP A 287 -4.53 -23.90 -22.92
CA ASP A 287 -5.30 -25.02 -23.45
C ASP A 287 -6.76 -24.95 -22.99
N GLU A 288 -7.67 -25.52 -23.78
CA GLU A 288 -9.09 -25.36 -23.50
C GLU A 288 -9.55 -26.24 -22.32
N ASP A 289 -8.71 -27.18 -21.92
CA ASP A 289 -9.04 -28.04 -20.78
C ASP A 289 -8.23 -27.73 -19.53
N VAL A 290 -7.78 -26.48 -19.39
CA VAL A 290 -7.03 -26.08 -18.21
C VAL A 290 -7.97 -25.90 -17.02
N ASN A 291 -7.47 -26.22 -15.82
CA ASN A 291 -8.17 -25.82 -14.63
C ASN A 291 -7.64 -24.44 -14.28
N MET A 292 -8.44 -23.42 -14.56
CA MET A 292 -8.04 -22.05 -14.28
C MET A 292 -8.88 -21.49 -13.16
N ILE A 293 -8.21 -20.91 -12.17
CA ILE A 293 -8.89 -20.24 -11.08
C ILE A 293 -8.25 -18.86 -10.88
N PHE A 294 -9.09 -17.84 -10.69
CA PHE A 294 -8.60 -16.49 -10.51
C PHE A 294 -9.35 -15.81 -9.38
N GLY A 295 -8.79 -14.72 -8.87
CA GLY A 295 -9.37 -14.01 -7.74
C GLY A 295 -8.94 -12.56 -7.80
N THR A 296 -9.61 -11.72 -7.03
CA THR A 296 -9.34 -10.29 -7.05
C THR A 296 -8.76 -9.82 -5.71
N VAL A 297 -7.67 -9.06 -5.77
CA VAL A 297 -7.08 -8.51 -4.56
C VAL A 297 -7.23 -6.99 -4.56
N ILE A 298 -7.57 -6.42 -3.42
CA ILE A 298 -7.83 -5.00 -3.33
C ILE A 298 -6.76 -4.29 -2.50
N ASN A 299 -5.99 -3.44 -3.16
CA ASN A 299 -5.09 -2.53 -2.47
C ASN A 299 -5.59 -1.11 -2.72
N PRO A 300 -6.21 -0.50 -1.71
CA PRO A 300 -6.88 0.78 -1.89
C PRO A 300 -5.92 1.92 -2.18
N GLU A 301 -4.63 1.65 -2.14
CA GLU A 301 -3.62 2.66 -2.38
C GLU A 301 -3.36 2.76 -3.89
N LEU A 302 -4.11 1.97 -4.65
CA LEU A 302 -4.02 1.96 -6.10
C LEU A 302 -5.24 2.68 -6.65
N GLN A 303 -5.03 3.74 -7.41
CA GLN A 303 -6.14 4.53 -7.91
C GLN A 303 -6.57 3.98 -9.27
N ASP A 304 -5.68 4.09 -10.26
CA ASP A 304 -5.98 3.58 -11.59
C ASP A 304 -5.04 2.48 -12.04
N GLU A 305 -4.06 2.12 -11.21
CA GLU A 305 -3.16 1.04 -11.59
C GLU A 305 -3.79 -0.31 -11.31
N ILE A 306 -3.45 -1.28 -12.16
CA ILE A 306 -3.88 -2.64 -11.97
C ILE A 306 -2.69 -3.56 -12.28
N VAL A 307 -2.46 -4.55 -11.43
CA VAL A 307 -1.39 -5.51 -11.67
C VAL A 307 -1.95 -6.93 -11.80
N VAL A 308 -1.66 -7.59 -12.91
CA VAL A 308 -2.09 -8.96 -13.12
C VAL A 308 -0.92 -9.94 -13.05
N THR A 309 -1.01 -10.88 -12.12
CA THR A 309 0.00 -11.93 -12.00
C THR A 309 -0.60 -13.29 -12.30
N VAL A 310 0.00 -14.01 -13.24
CA VAL A 310 -0.47 -15.35 -13.60
C VAL A 310 0.63 -16.37 -13.32
N ILE A 311 0.25 -17.46 -12.66
CA ILE A 311 1.17 -18.57 -12.46
C ILE A 311 0.66 -19.74 -13.27
N ALA A 312 1.45 -20.18 -14.23
CA ALA A 312 1.05 -21.23 -15.14
C ALA A 312 1.79 -22.51 -14.80
N THR A 313 1.09 -23.45 -14.16
CA THR A 313 1.70 -24.71 -13.76
C THR A 313 1.06 -25.90 -14.48
N GLY A 314 1.77 -27.02 -14.56
CA GLY A 314 1.21 -28.22 -15.18
C GLY A 314 2.07 -29.03 -16.13
N PHE A 315 2.79 -28.35 -17.02
CA PHE A 315 3.74 -29.02 -17.91
C PHE A 315 4.74 -29.92 -17.18
N LEU B 13 10.72 12.19 14.56
CA LEU B 13 9.45 12.18 13.84
C LEU B 13 8.51 13.28 14.32
N ALA B 14 7.26 13.21 13.88
CA ALA B 14 6.25 14.18 14.27
C ALA B 14 4.99 13.42 14.70
N THR B 15 4.24 13.96 15.65
CA THR B 15 3.03 13.30 16.11
C THR B 15 1.82 13.89 15.40
N LEU B 16 1.27 13.12 14.47
CA LEU B 16 0.14 13.57 13.68
C LEU B 16 -1.14 12.88 14.17
N LYS B 17 -2.16 13.67 14.49
CA LYS B 17 -3.42 13.12 14.93
C LYS B 17 -4.59 13.59 14.08
N VAL B 18 -5.48 12.65 13.73
CA VAL B 18 -6.69 12.97 13.00
C VAL B 18 -7.92 12.82 13.88
N ILE B 19 -8.62 13.93 14.12
CA ILE B 19 -9.81 13.90 14.96
C ILE B 19 -11.07 14.00 14.11
N GLY B 20 -12.00 13.10 14.35
CA GLY B 20 -13.27 13.14 13.63
C GLY B 20 -14.34 13.72 14.54
N VAL B 21 -14.96 14.80 14.09
CA VAL B 21 -16.01 15.45 14.86
C VAL B 21 -17.35 15.33 14.15
N GLY B 22 -18.28 14.61 14.76
CA GLY B 22 -19.60 14.46 14.19
C GLY B 22 -19.75 13.08 13.58
N GLY B 23 -20.91 12.80 13.01
CA GLY B 23 -21.13 11.54 12.35
C GLY B 23 -20.35 11.44 11.04
N GLY B 24 -20.41 12.50 10.24
CA GLY B 24 -19.73 12.53 8.96
C GLY B 24 -18.22 12.45 9.06
N GLY B 25 -17.65 13.21 10.00
CA GLY B 25 -16.21 13.19 10.21
C GLY B 25 -15.75 11.85 10.73
N ASN B 26 -16.55 11.25 11.60
CA ASN B 26 -16.24 9.94 12.17
C ASN B 26 -16.35 8.85 11.11
N ASN B 27 -17.30 9.00 10.19
CA ASN B 27 -17.45 8.10 9.07
C ASN B 27 -16.31 8.24 8.06
N ALA B 28 -15.85 9.47 7.87
CA ALA B 28 -14.70 9.74 7.01
C ALA B 28 -13.43 9.10 7.56
N VAL B 29 -13.26 9.15 8.88
CA VAL B 29 -12.10 8.56 9.54
C VAL B 29 -12.12 7.04 9.44
N ASN B 30 -13.33 6.48 9.45
CA ASN B 30 -13.50 5.04 9.29
C ASN B 30 -12.95 4.60 7.95
N ARG B 31 -13.25 5.38 6.91
CA ARG B 31 -12.74 5.12 5.58
C ARG B 31 -11.23 5.26 5.52
N MET B 32 -10.69 6.23 6.27
CA MET B 32 -9.26 6.45 6.32
C MET B 32 -8.55 5.22 6.91
N ILE B 33 -9.08 4.73 8.03
CA ILE B 33 -8.55 3.53 8.67
C ILE B 33 -8.69 2.34 7.72
N ASP B 34 -9.88 2.21 7.13
CA ASP B 34 -10.20 1.11 6.23
C ASP B 34 -9.33 1.12 4.96
N HIS B 35 -8.94 2.31 4.53
CA HIS B 35 -8.20 2.49 3.29
C HIS B 35 -6.77 2.00 3.45
N GLY B 36 -6.30 1.97 4.69
CA GLY B 36 -4.95 1.51 4.98
C GLY B 36 -4.08 2.68 5.36
N MET B 37 -4.70 3.74 5.85
CA MET B 37 -3.97 4.93 6.27
C MET B 37 -3.18 4.64 7.53
N ASN B 38 -1.98 5.20 7.59
CA ASN B 38 -1.04 4.95 8.66
C ASN B 38 -0.31 6.26 8.91
N ASN B 39 0.70 6.21 9.79
CA ASN B 39 1.56 7.37 10.06
C ASN B 39 0.85 8.39 10.92
N VAL B 40 -0.42 8.11 11.22
CA VAL B 40 -1.28 9.08 11.89
C VAL B 40 -2.11 8.37 12.97
N GLU B 41 -2.66 9.17 13.89
CA GLU B 41 -3.38 8.65 15.04
C GLU B 41 -4.82 9.16 15.03
N PHE B 42 -5.79 8.25 15.09
CA PHE B 42 -7.19 8.64 14.91
C PHE B 42 -7.96 8.82 16.22
N ILE B 43 -8.79 9.86 16.26
CA ILE B 43 -9.61 10.20 17.42
C ILE B 43 -11.04 10.45 16.95
N ALA B 44 -12.01 10.01 17.73
CA ALA B 44 -13.42 10.14 17.36
C ALA B 44 -14.20 10.95 18.39
N ILE B 45 -14.77 12.07 17.94
CA ILE B 45 -15.54 12.94 18.82
C ILE B 45 -16.98 13.07 18.34
N ASN B 46 -17.92 12.66 19.18
CA ASN B 46 -19.34 12.73 18.84
C ASN B 46 -20.20 12.94 20.08
N THR B 47 -21.37 13.54 19.90
CA THR B 47 -22.35 13.65 20.98
C THR B 47 -23.17 12.36 21.03
N ASP B 48 -23.18 11.65 19.91
CA ASP B 48 -23.97 10.44 19.76
C ASP B 48 -23.18 9.21 20.19
N GLY B 49 -23.60 8.61 21.30
CA GLY B 49 -22.87 7.52 21.91
C GLY B 49 -22.90 6.24 21.10
N GLN B 50 -24.06 5.96 20.51
CA GLN B 50 -24.28 4.71 19.80
C GLN B 50 -23.53 4.65 18.47
N ALA B 51 -23.50 5.77 17.76
CA ALA B 51 -22.73 5.87 16.53
C ALA B 51 -21.24 5.86 16.82
N LEU B 52 -20.88 6.28 18.03
CA LEU B 52 -19.48 6.31 18.43
C LEU B 52 -18.99 4.89 18.72
N ASN B 53 -19.92 3.99 18.99
CA ASN B 53 -19.59 2.56 19.11
C ASN B 53 -19.24 1.99 17.74
N LEU B 54 -19.77 2.61 16.69
CA LEU B 54 -19.54 2.16 15.32
C LEU B 54 -18.26 2.77 14.75
N SER B 55 -17.49 3.44 15.61
CA SER B 55 -16.26 4.09 15.18
C SER B 55 -15.10 3.11 15.25
N LYS B 56 -14.32 3.05 14.17
CA LYS B 56 -13.16 2.16 14.13
C LYS B 56 -11.96 2.76 14.83
N ALA B 57 -12.02 4.06 15.10
CA ALA B 57 -10.93 4.79 15.75
C ALA B 57 -10.60 4.22 17.12
N GLU B 58 -9.32 4.22 17.47
CA GLU B 58 -8.89 3.65 18.74
C GLU B 58 -9.31 4.54 19.92
N SER B 59 -9.25 5.85 19.71
CA SER B 59 -9.63 6.80 20.76
C SER B 59 -10.97 7.47 20.49
N LYS B 60 -11.91 7.31 21.42
CA LYS B 60 -13.24 7.88 21.29
C LYS B 60 -13.58 8.81 22.45
N ILE B 61 -14.08 10.00 22.11
CA ILE B 61 -14.48 10.98 23.11
C ILE B 61 -15.94 11.36 22.90
N GLN B 62 -16.78 10.98 23.87
CA GLN B 62 -18.18 11.37 23.80
C GLN B 62 -18.34 12.67 24.55
N ILE B 63 -18.96 13.65 23.88
CA ILE B 63 -19.04 15.00 24.41
C ILE B 63 -20.49 15.36 24.71
N GLY B 64 -20.71 16.09 25.79
CA GLY B 64 -22.04 16.54 26.16
C GLY B 64 -22.93 15.39 26.60
N GLU B 65 -22.39 14.53 27.47
CA GLU B 65 -23.13 13.40 28.02
C GLU B 65 -24.32 13.86 28.89
N LYS B 66 -24.13 14.94 29.63
CA LYS B 66 -25.24 15.55 30.37
C LYS B 66 -26.16 16.34 29.44
N LEU B 67 -25.54 17.19 28.61
CA LEU B 67 -26.27 18.14 27.77
C LEU B 67 -27.14 17.45 26.71
N THR B 68 -26.62 16.36 26.13
CA THR B 68 -27.34 15.65 25.07
C THR B 68 -27.90 14.31 25.54
N ARG B 69 -27.32 13.78 26.60
CA ARG B 69 -27.61 12.43 27.11
C ARG B 69 -27.22 11.37 26.10
N GLY B 70 -26.25 11.69 25.24
CA GLY B 70 -25.79 10.79 24.21
C GLY B 70 -26.78 10.61 23.08
N LEU B 71 -27.77 11.50 23.02
CA LEU B 71 -28.86 11.38 22.06
C LEU B 71 -28.54 12.06 20.73
N GLY B 72 -27.64 13.03 20.77
CA GLY B 72 -27.26 13.78 19.58
C GLY B 72 -27.55 15.25 19.72
N ALA B 73 -27.15 16.05 18.73
CA ALA B 73 -27.25 17.49 18.83
C ALA B 73 -28.48 18.05 18.13
N GLY B 74 -29.30 17.17 17.57
CA GLY B 74 -30.56 17.56 16.95
C GLY B 74 -30.35 18.53 15.79
N ALA B 75 -29.16 18.45 15.19
CA ALA B 75 -28.72 19.36 14.13
C ALA B 75 -28.67 20.80 14.63
N ASN B 76 -28.41 20.96 15.93
CA ASN B 76 -28.21 22.28 16.51
C ASN B 76 -26.74 22.53 16.83
N PRO B 77 -26.11 23.43 16.06
CA PRO B 77 -24.69 23.78 16.24
C PRO B 77 -24.43 24.37 17.62
N GLU B 78 -25.45 25.00 18.19
CA GLU B 78 -25.35 25.58 19.53
C GLU B 78 -25.16 24.49 20.59
N ILE B 79 -25.88 23.39 20.43
CA ILE B 79 -25.76 22.27 21.37
C ILE B 79 -24.38 21.60 21.25
N GLY B 80 -23.94 21.37 20.03
CA GLY B 80 -22.69 20.68 19.78
C GLY B 80 -21.51 21.44 20.34
N LYS B 81 -21.57 22.77 20.24
CA LYS B 81 -20.51 23.64 20.75
C LYS B 81 -20.37 23.49 22.27
N LYS B 82 -21.46 23.71 22.99
CA LYS B 82 -21.44 23.61 24.45
C LYS B 82 -21.07 22.20 24.91
N ALA B 83 -21.45 21.21 24.12
CA ALA B 83 -21.15 19.82 24.44
C ALA B 83 -19.64 19.57 24.51
N ALA B 84 -18.92 20.13 23.55
CA ALA B 84 -17.46 20.01 23.50
C ALA B 84 -16.77 20.81 24.61
N GLU B 85 -17.25 22.02 24.85
CA GLU B 85 -16.73 22.87 25.90
C GLU B 85 -16.86 22.25 27.28
N GLU B 86 -18.00 21.61 27.51
CA GLU B 86 -18.25 20.90 28.75
C GLU B 86 -17.29 19.72 28.87
N SER B 87 -16.90 19.16 27.73
CA SER B 87 -15.96 18.05 27.70
C SER B 87 -14.60 18.49 27.16
N ARG B 88 -14.27 19.76 27.38
CA ARG B 88 -12.98 20.31 26.98
C ARG B 88 -11.82 19.56 27.63
N GLU B 89 -12.02 19.15 28.87
CA GLU B 89 -10.98 18.46 29.63
C GLU B 89 -10.56 17.17 28.94
N GLN B 90 -11.55 16.41 28.48
CA GLN B 90 -11.27 15.15 27.79
C GLN B 90 -10.68 15.41 26.40
N ILE B 91 -11.12 16.48 25.75
CA ILE B 91 -10.60 16.86 24.44
C ILE B 91 -9.12 17.26 24.50
N GLU B 92 -8.73 17.99 25.55
CA GLU B 92 -7.36 18.49 25.67
C GLU B 92 -6.36 17.35 25.85
N ASP B 93 -6.75 16.32 26.59
CA ASP B 93 -5.89 15.16 26.82
C ASP B 93 -5.64 14.39 25.52
N ALA B 94 -6.65 14.35 24.66
CA ALA B 94 -6.55 13.63 23.39
C ALA B 94 -5.57 14.30 22.44
N ILE B 95 -5.61 15.63 22.41
CA ILE B 95 -4.78 16.43 21.52
C ILE B 95 -3.33 16.46 22.02
N GLN B 96 -3.14 16.01 23.26
CA GLN B 96 -1.84 16.09 23.94
C GLN B 96 -0.72 15.39 23.17
N GLY B 97 0.38 16.11 22.95
CA GLY B 97 1.55 15.54 22.31
C GLY B 97 1.59 15.74 20.81
N ALA B 98 0.57 16.40 20.26
CA ALA B 98 0.44 16.49 18.82
C ALA B 98 1.24 17.64 18.21
N ASP B 99 2.03 17.32 17.21
CA ASP B 99 2.75 18.33 16.44
C ASP B 99 1.79 18.91 15.41
N MET B 100 0.91 18.04 14.91
CA MET B 100 -0.10 18.44 13.94
C MET B 100 -1.43 17.77 14.26
N VAL B 101 -2.52 18.52 14.11
CA VAL B 101 -3.85 17.97 14.33
C VAL B 101 -4.74 18.16 13.11
N PHE B 102 -5.40 17.10 12.69
CA PHE B 102 -6.37 17.21 11.60
C PHE B 102 -7.77 17.07 12.19
N VAL B 103 -8.62 18.06 11.92
CA VAL B 103 -9.99 18.02 12.41
C VAL B 103 -10.90 17.84 11.21
N THR B 104 -11.48 16.66 11.09
CA THR B 104 -12.26 16.29 9.92
C THR B 104 -13.73 16.19 10.28
N SER B 105 -14.57 16.90 9.54
CA SER B 105 -15.99 16.99 9.87
C SER B 105 -16.81 17.46 8.68
N GLY B 106 -18.12 17.43 8.84
CA GLY B 106 -19.03 17.91 7.82
C GLY B 106 -19.93 18.95 8.45
N MET B 107 -20.24 19.99 7.69
CA MET B 107 -20.90 21.14 8.29
C MET B 107 -22.35 21.17 7.84
N GLY B 108 -23.22 21.72 8.70
CA GLY B 108 -24.65 21.67 8.48
C GLY B 108 -25.33 20.85 9.56
N GLY B 109 -24.55 20.20 10.40
CA GLY B 109 -25.06 19.37 11.46
C GLY B 109 -24.89 20.07 12.79
N GLY B 110 -25.14 19.36 13.88
CA GLY B 110 -24.99 19.96 15.20
C GLY B 110 -23.62 19.74 15.81
N THR B 111 -23.23 18.46 15.89
CA THR B 111 -21.97 18.06 16.49
C THR B 111 -20.77 18.55 15.70
N GLY B 112 -20.84 18.45 14.37
CA GLY B 112 -19.75 18.87 13.52
C GLY B 112 -19.59 20.38 13.44
N THR B 113 -20.69 21.08 13.20
CA THR B 113 -20.67 22.53 13.07
C THR B 113 -20.26 23.24 14.35
N GLY B 114 -20.79 22.79 15.48
CA GLY B 114 -20.53 23.44 16.76
C GLY B 114 -19.26 23.03 17.46
N ALA B 115 -19.01 21.72 17.53
CA ALA B 115 -17.93 21.21 18.37
C ALA B 115 -16.57 21.20 17.69
N ALA B 116 -16.55 21.12 16.37
CA ALA B 116 -15.27 21.04 15.66
C ALA B 116 -14.45 22.34 15.72
N PRO B 117 -15.12 23.52 15.66
CA PRO B 117 -14.32 24.73 15.89
C PRO B 117 -13.74 24.80 17.29
N VAL B 118 -14.42 24.17 18.25
CA VAL B 118 -13.92 24.10 19.62
C VAL B 118 -12.68 23.22 19.72
N VAL B 119 -12.73 22.02 19.12
CA VAL B 119 -11.59 21.12 19.16
C VAL B 119 -10.38 21.70 18.45
N ALA B 120 -10.62 22.39 17.34
CA ALA B 120 -9.56 23.04 16.58
C ALA B 120 -8.92 24.18 17.36
N LYS B 121 -9.76 24.97 18.03
CA LYS B 121 -9.29 26.09 18.84
C LYS B 121 -8.46 25.55 20.02
N ILE B 122 -8.95 24.48 20.65
CA ILE B 122 -8.25 23.84 21.74
C ILE B 122 -6.88 23.33 21.29
N ALA B 123 -6.82 22.79 20.08
CA ALA B 123 -5.59 22.26 19.51
C ALA B 123 -4.59 23.36 19.17
N LYS B 124 -5.07 24.40 18.48
CA LYS B 124 -4.20 25.50 18.06
C LYS B 124 -3.64 26.23 19.28
N GLU B 125 -4.46 26.36 20.32
CA GLU B 125 -4.03 26.96 21.57
C GLU B 125 -2.92 26.14 22.23
N MET B 126 -2.93 24.84 22.00
CA MET B 126 -1.96 23.94 22.62
C MET B 126 -0.67 23.88 21.83
N GLY B 127 -0.55 24.74 20.82
CA GLY B 127 0.68 24.88 20.06
C GLY B 127 0.81 23.93 18.88
N ALA B 128 -0.25 23.18 18.62
CA ALA B 128 -0.27 22.29 17.47
C ALA B 128 -0.50 23.07 16.19
N LEU B 129 -0.13 22.46 15.06
CA LEU B 129 -0.46 23.04 13.76
C LEU B 129 -1.82 22.48 13.39
N THR B 130 -2.84 23.34 13.43
CA THR B 130 -4.22 22.89 13.25
C THR B 130 -4.69 23.11 11.83
N VAL B 131 -4.84 22.01 11.10
CA VAL B 131 -5.45 22.02 9.78
C VAL B 131 -6.79 21.30 9.86
N GLY B 132 -7.80 21.89 9.23
CA GLY B 132 -9.12 21.27 9.20
C GLY B 132 -9.54 20.98 7.78
N VAL B 133 -9.98 19.74 7.55
CA VAL B 133 -10.49 19.35 6.25
C VAL B 133 -11.97 19.03 6.41
N VAL B 134 -12.82 19.92 5.94
CA VAL B 134 -14.25 19.81 6.18
C VAL B 134 -15.03 19.88 4.88
N THR B 135 -16.31 19.55 4.96
CA THR B 135 -17.14 19.47 3.76
C THR B 135 -18.33 20.43 3.86
N ARG B 136 -18.94 20.72 2.72
CA ARG B 136 -20.14 21.55 2.66
C ARG B 136 -21.24 20.66 2.10
N PRO B 137 -22.46 20.79 2.65
CA PRO B 137 -23.55 19.89 2.28
C PRO B 137 -23.92 20.04 0.81
N PHE B 138 -24.67 19.07 0.29
CA PHE B 138 -25.19 19.18 -1.05
C PHE B 138 -26.26 20.25 -1.05
N SER B 139 -26.61 20.75 -2.23
CA SER B 139 -27.60 21.81 -2.33
C SER B 139 -28.98 21.28 -1.95
N PHE B 140 -29.20 19.98 -2.16
CA PHE B 140 -30.50 19.37 -1.90
C PHE B 140 -30.70 19.05 -0.42
N GLU B 141 -29.64 19.21 0.37
CA GLU B 141 -29.67 18.79 1.76
C GLU B 141 -30.55 19.66 2.65
N GLY B 142 -30.84 20.86 2.19
CA GLY B 142 -31.66 21.77 2.96
C GLY B 142 -31.33 23.22 2.68
N ARG B 143 -31.91 24.10 3.49
CA ARG B 143 -31.52 25.49 3.49
C ARG B 143 -30.94 25.89 4.84
N LYS B 144 -31.45 25.28 5.91
CA LYS B 144 -30.91 25.52 7.24
C LYS B 144 -29.52 24.92 7.30
N ARG B 145 -29.35 23.75 6.69
CA ARG B 145 -28.07 23.05 6.68
C ARG B 145 -27.04 23.86 5.89
N GLN B 146 -27.48 24.46 4.79
CA GLN B 146 -26.61 25.28 3.96
C GLN B 146 -26.17 26.49 4.78
N THR B 147 -27.10 27.01 5.57
CA THR B 147 -26.86 28.15 6.44
C THR B 147 -25.87 27.86 7.58
N GLN B 148 -26.06 26.73 8.27
CA GLN B 148 -25.18 26.38 9.38
C GLN B 148 -23.82 25.91 8.86
N ALA B 149 -23.77 25.55 7.58
CA ALA B 149 -22.52 25.20 6.96
C ALA B 149 -21.65 26.44 6.84
N ALA B 150 -22.25 27.51 6.31
CA ALA B 150 -21.54 28.76 6.10
C ALA B 150 -21.06 29.31 7.43
N ALA B 151 -21.92 29.25 8.44
CA ALA B 151 -21.58 29.70 9.78
C ALA B 151 -20.52 28.78 10.39
N GLY B 152 -20.57 27.51 10.02
CA GLY B 152 -19.61 26.53 10.49
C GLY B 152 -18.21 26.70 9.92
N VAL B 153 -18.15 27.02 8.62
CA VAL B 153 -16.86 27.26 7.96
C VAL B 153 -16.17 28.47 8.56
N GLU B 154 -16.93 29.53 8.80
CA GLU B 154 -16.36 30.76 9.37
C GLU B 154 -15.87 30.56 10.80
N ALA B 155 -16.59 29.73 11.55
CA ALA B 155 -16.18 29.43 12.92
C ALA B 155 -14.97 28.50 12.91
N MET B 156 -14.71 27.88 11.77
CA MET B 156 -13.55 27.03 11.60
C MET B 156 -12.35 27.86 11.15
N LYS B 157 -12.61 28.84 10.28
CA LYS B 157 -11.56 29.70 9.74
C LYS B 157 -10.82 30.41 10.86
N ALA B 158 -11.58 30.91 11.83
CA ALA B 158 -11.02 31.58 12.99
C ALA B 158 -10.26 30.60 13.88
N ALA B 159 -10.76 29.37 13.97
CA ALA B 159 -10.21 28.40 14.92
C ALA B 159 -8.97 27.67 14.42
N VAL B 160 -8.71 27.70 13.11
CA VAL B 160 -7.64 26.86 12.56
C VAL B 160 -6.56 27.69 11.85
N ASP B 161 -5.40 27.08 11.67
CA ASP B 161 -4.31 27.65 10.88
C ASP B 161 -4.69 27.61 9.40
N THR B 162 -4.93 26.39 8.93
CA THR B 162 -5.34 26.19 7.54
C THR B 162 -6.68 25.45 7.49
N LEU B 163 -7.55 25.88 6.59
CA LEU B 163 -8.84 25.23 6.40
C LEU B 163 -9.06 24.85 4.93
N ILE B 164 -9.34 23.58 4.70
CA ILE B 164 -9.74 23.11 3.39
C ILE B 164 -11.22 22.76 3.39
N VAL B 165 -12.00 23.46 2.57
CA VAL B 165 -13.43 23.21 2.47
C VAL B 165 -13.78 22.66 1.10
N ILE B 166 -14.38 21.49 1.07
CA ILE B 166 -14.75 20.85 -0.18
C ILE B 166 -16.25 20.74 -0.30
N PRO B 167 -16.86 21.60 -1.14
CA PRO B 167 -18.30 21.55 -1.39
C PRO B 167 -18.68 20.20 -1.96
N ASN B 168 -19.67 19.54 -1.36
CA ASN B 168 -20.10 18.23 -1.84
C ASN B 168 -20.70 18.36 -3.24
N ASP B 169 -21.17 19.56 -3.56
CA ASP B 169 -21.81 19.82 -4.83
C ASP B 169 -20.85 19.68 -6.02
N ARG B 170 -19.56 19.88 -5.77
CA ARG B 170 -18.57 19.72 -6.83
C ARG B 170 -18.20 18.26 -7.02
N LEU B 171 -18.61 17.43 -6.08
CA LEU B 171 -18.37 16.00 -6.17
C LEU B 171 -19.50 15.31 -6.91
N LEU B 172 -20.43 16.12 -7.42
CA LEU B 172 -21.67 15.61 -8.00
C LEU B 172 -21.48 15.01 -9.37
N ASP B 173 -20.41 15.40 -10.06
CA ASP B 173 -20.07 14.79 -11.34
C ASP B 173 -19.39 13.46 -11.13
N ILE B 174 -18.70 13.31 -10.00
CA ILE B 174 -18.04 12.05 -9.70
C ILE B 174 -18.91 11.26 -8.74
N VAL B 175 -20.06 11.83 -8.38
CA VAL B 175 -21.02 11.09 -7.56
C VAL B 175 -21.52 9.98 -8.46
N ASP B 176 -21.73 8.80 -7.88
CA ASP B 176 -22.03 7.63 -8.67
C ASP B 176 -23.51 7.68 -9.10
N LYS B 177 -23.74 7.43 -10.37
CA LYS B 177 -25.02 7.68 -11.06
C LYS B 177 -26.24 6.94 -10.50
N SER B 178 -26.00 5.80 -9.85
CA SER B 178 -27.09 4.99 -9.30
C SER B 178 -27.11 5.01 -7.77
N THR B 179 -26.39 5.94 -7.17
CA THR B 179 -26.30 6.00 -5.72
C THR B 179 -27.60 6.43 -5.04
N PRO B 180 -27.90 5.83 -3.89
CA PRO B 180 -29.03 6.21 -3.02
C PRO B 180 -28.64 7.36 -2.09
N MET B 181 -29.62 7.94 -1.39
CA MET B 181 -29.36 9.07 -0.51
C MET B 181 -28.43 8.75 0.64
N MET B 182 -28.39 7.47 1.03
CA MET B 182 -27.63 7.07 2.21
C MET B 182 -26.14 6.88 1.91
N GLU B 183 -25.82 6.67 0.64
CA GLU B 183 -24.43 6.47 0.23
C GLU B 183 -23.90 7.63 -0.59
N ALA B 184 -24.56 8.77 -0.48
CA ALA B 184 -24.25 9.92 -1.33
C ALA B 184 -22.88 10.51 -1.02
N PHE B 185 -22.39 10.22 0.18
CA PHE B 185 -21.19 10.88 0.69
C PHE B 185 -19.97 9.96 0.64
N LYS B 186 -20.02 8.96 -0.23
CA LYS B 186 -18.88 8.06 -0.40
C LYS B 186 -17.69 8.84 -0.93
N GLU B 187 -17.96 9.77 -1.84
CA GLU B 187 -16.92 10.59 -2.43
C GLU B 187 -16.36 11.58 -1.42
N ALA B 188 -17.21 12.01 -0.49
CA ALA B 188 -16.78 12.91 0.57
C ALA B 188 -15.81 12.21 1.51
N ASP B 189 -16.05 10.93 1.78
CA ASP B 189 -15.14 10.15 2.60
C ASP B 189 -13.79 9.99 1.93
N ASN B 190 -13.80 9.86 0.61
CA ASN B 190 -12.56 9.78 -0.15
C ASN B 190 -11.81 11.10 -0.18
N VAL B 191 -12.50 12.16 -0.61
CA VAL B 191 -11.87 13.46 -0.76
C VAL B 191 -11.34 14.00 0.56
N LEU B 192 -12.05 13.69 1.65
CA LEU B 192 -11.57 14.03 2.98
C LEU B 192 -10.32 13.21 3.31
N ARG B 193 -10.31 11.95 2.87
CA ARG B 193 -9.15 11.08 3.05
C ARG B 193 -7.95 11.57 2.23
N GLN B 194 -8.20 11.96 0.98
CA GLN B 194 -7.13 12.42 0.09
C GLN B 194 -6.40 13.63 0.64
N GLY B 195 -7.15 14.57 1.20
CA GLY B 195 -6.57 15.77 1.77
C GLY B 195 -5.78 15.52 3.03
N VAL B 196 -6.35 14.74 3.94
CA VAL B 196 -5.68 14.41 5.18
C VAL B 196 -4.46 13.53 4.91
N GLN B 197 -4.60 12.55 4.02
CA GLN B 197 -3.48 11.67 3.66
C GLN B 197 -2.39 12.40 2.89
N GLY B 198 -2.79 13.30 2.00
CA GLY B 198 -1.84 14.02 1.18
C GLY B 198 -0.85 14.84 1.98
N ILE B 199 -1.33 15.45 3.06
CA ILE B 199 -0.44 16.16 3.97
C ILE B 199 0.30 15.20 4.89
N SER B 200 -0.41 14.22 5.45
CA SER B 200 0.18 13.30 6.42
C SER B 200 1.30 12.45 5.84
N ASP B 201 1.10 11.97 4.62
CA ASP B 201 2.11 11.16 3.94
C ASP B 201 3.37 11.98 3.73
N LEU B 202 3.18 13.28 3.45
CA LEU B 202 4.30 14.17 3.17
C LEU B 202 5.08 14.56 4.43
N ILE B 203 4.37 14.81 5.53
CA ILE B 203 5.01 15.14 6.80
C ILE B 203 5.76 13.96 7.39
N ALA B 204 5.04 12.87 7.67
CA ALA B 204 5.61 11.71 8.32
C ALA B 204 6.64 10.96 7.46
N VAL B 205 6.39 10.91 6.15
CA VAL B 205 7.25 10.18 5.22
C VAL B 205 7.63 11.09 4.05
N GLY B 206 8.69 10.75 3.34
CA GLY B 206 9.09 11.53 2.19
C GLY B 206 10.22 12.52 2.42
N ALA B 207 11.04 12.68 1.38
CA ALA B 207 12.25 13.48 1.47
C ALA B 207 12.03 14.90 1.00
N ASN B 208 13.07 15.72 1.19
CA ASN B 208 13.09 17.14 0.83
C ASN B 208 12.11 18.00 1.64
N LEU B 209 11.47 17.40 2.64
CA LEU B 209 10.46 18.11 3.41
C LEU B 209 10.85 18.24 4.89
N ASP B 210 10.84 19.46 5.41
CA ASP B 210 11.03 19.68 6.84
C ASP B 210 9.84 20.42 7.44
N PHE B 211 9.46 20.02 8.65
CA PHE B 211 8.18 20.39 9.27
C PHE B 211 8.01 21.90 9.44
N ALA B 212 9.10 22.59 9.76
CA ALA B 212 9.04 24.02 10.02
C ALA B 212 8.66 24.79 8.76
N ASP B 213 9.00 24.20 7.61
CA ASP B 213 8.62 24.76 6.32
C ASP B 213 7.11 24.64 6.14
N VAL B 214 6.57 23.49 6.54
CA VAL B 214 5.13 23.25 6.48
C VAL B 214 4.39 24.17 7.44
N LYS B 215 4.92 24.34 8.65
CA LYS B 215 4.30 25.25 9.61
C LYS B 215 4.26 26.66 9.02
N THR B 216 5.36 27.09 8.41
CA THR B 216 5.45 28.42 7.83
C THR B 216 4.46 28.59 6.68
N ILE B 217 4.43 27.58 5.81
CA ILE B 217 3.55 27.61 4.64
C ILE B 217 2.08 27.52 5.01
N MET B 218 1.77 26.92 6.16
CA MET B 218 0.38 26.62 6.52
C MET B 218 -0.16 27.25 7.81
N SER B 219 0.60 28.14 8.46
CA SER B 219 0.12 28.68 9.73
C SER B 219 -0.59 30.00 9.50
N ASN B 220 -1.81 30.09 10.03
CA ASN B 220 -2.61 31.30 9.97
C ASN B 220 -2.84 31.80 8.54
N GLN B 221 -2.78 30.88 7.58
CA GLN B 221 -3.02 31.19 6.18
C GLN B 221 -4.50 31.46 5.92
N GLY B 222 -5.36 30.67 6.54
CA GLY B 222 -6.78 30.76 6.30
C GLY B 222 -7.26 29.67 5.36
N SER B 223 -7.85 30.07 4.24
CA SER B 223 -8.42 29.13 3.30
C SER B 223 -7.34 28.46 2.46
N ALA B 224 -7.62 27.25 2.00
CA ALA B 224 -6.69 26.51 1.16
C ALA B 224 -7.42 25.67 0.14
N LEU B 225 -6.68 25.17 -0.84
CA LEU B 225 -7.26 24.37 -1.91
C LEU B 225 -6.53 23.06 -2.07
N MET B 226 -7.22 22.06 -2.60
CA MET B 226 -6.68 20.73 -2.77
C MET B 226 -6.87 20.29 -4.21
N GLY B 227 -5.81 19.78 -4.81
CA GLY B 227 -5.89 19.25 -6.16
C GLY B 227 -5.17 17.91 -6.23
N ILE B 228 -5.84 16.93 -6.82
CA ILE B 228 -5.24 15.62 -7.00
C ILE B 228 -5.23 15.20 -8.47
N GLY B 229 -4.08 14.73 -8.94
CA GLY B 229 -3.96 14.24 -10.29
C GLY B 229 -3.23 12.91 -10.30
N VAL B 230 -3.71 11.98 -11.12
CA VAL B 230 -3.14 10.65 -11.21
C VAL B 230 -2.74 10.33 -12.64
N SER B 231 -1.58 9.73 -12.83
CA SER B 231 -1.13 9.30 -14.14
C SER B 231 -0.11 8.18 -14.00
N SER B 232 -0.04 7.31 -15.00
CA SER B 232 0.84 6.14 -14.91
C SER B 232 1.60 5.90 -16.21
N GLY B 233 1.60 6.90 -17.08
CA GLY B 233 2.21 6.76 -18.39
C GLY B 233 3.65 7.23 -18.47
N GLU B 234 4.12 7.40 -19.71
CA GLU B 234 5.36 8.12 -19.96
C GLU B 234 5.09 9.56 -19.53
N ASN B 235 6.12 10.28 -19.11
CA ASN B 235 5.98 11.62 -18.51
C ASN B 235 4.74 11.71 -17.64
N ARG B 236 4.64 10.75 -16.72
CA ARG B 236 3.51 10.65 -15.81
C ARG B 236 3.48 11.84 -14.87
N ALA B 237 4.67 12.33 -14.53
CA ALA B 237 4.82 13.40 -13.56
C ALA B 237 4.22 14.70 -14.03
N VAL B 238 4.52 15.06 -15.28
CA VAL B 238 4.00 16.28 -15.87
C VAL B 238 2.48 16.22 -16.03
N GLU B 239 1.99 15.08 -16.50
CA GLU B 239 0.56 14.91 -16.73
C GLU B 239 -0.24 14.96 -15.43
N ALA B 240 0.24 14.24 -14.42
CA ALA B 240 -0.43 14.19 -13.12
C ALA B 240 -0.45 15.55 -12.42
N ALA B 241 0.63 16.31 -12.56
CA ALA B 241 0.68 17.65 -12.01
C ALA B 241 -0.27 18.57 -12.77
N LYS B 242 -0.38 18.35 -14.07
CA LYS B 242 -1.27 19.12 -14.92
C LYS B 242 -2.73 18.84 -14.54
N LYS B 243 -3.00 17.60 -14.15
CA LYS B 243 -4.32 17.19 -13.67
C LYS B 243 -4.62 17.77 -12.30
N ALA B 244 -3.59 17.88 -11.46
CA ALA B 244 -3.76 18.35 -10.09
C ALA B 244 -4.16 19.82 -10.02
N ILE B 245 -3.49 20.66 -10.81
CA ILE B 245 -3.78 22.09 -10.82
C ILE B 245 -5.00 22.42 -11.68
N SER B 246 -5.42 21.46 -12.49
CA SER B 246 -6.62 21.62 -13.30
C SER B 246 -7.76 20.78 -12.74
N SER B 247 -7.66 20.45 -11.46
CA SER B 247 -8.56 19.49 -10.83
C SER B 247 -9.99 20.01 -10.73
N PRO B 248 -10.97 19.09 -10.77
CA PRO B 248 -12.39 19.47 -10.63
C PRO B 248 -12.83 19.74 -9.18
N LEU B 249 -11.97 19.46 -8.21
CA LEU B 249 -12.28 19.71 -6.80
C LEU B 249 -11.87 21.13 -6.44
N LEU B 250 -11.16 21.79 -7.36
CA LEU B 250 -10.60 23.11 -7.09
C LEU B 250 -11.67 24.19 -7.17
N GLU B 251 -11.75 24.99 -6.11
CA GLU B 251 -12.72 26.08 -6.02
C GLU B 251 -12.41 27.16 -7.05
N THR B 252 -11.11 27.38 -7.25
CA THR B 252 -10.64 28.43 -8.15
C THR B 252 -9.26 28.08 -8.70
N SER B 253 -8.75 28.92 -9.59
CA SER B 253 -7.39 28.75 -10.10
C SER B 253 -6.41 29.01 -8.97
N ILE B 254 -5.24 28.38 -9.02
CA ILE B 254 -4.31 28.37 -7.90
C ILE B 254 -3.37 29.59 -7.94
N VAL B 255 -3.48 30.39 -9.00
CA VAL B 255 -2.54 31.47 -9.29
C VAL B 255 -2.45 32.51 -8.16
N GLY B 256 -3.51 32.63 -7.38
CA GLY B 256 -3.55 33.60 -6.29
C GLY B 256 -2.85 33.17 -5.02
N ALA B 257 -2.36 31.93 -5.00
CA ALA B 257 -1.77 31.36 -3.79
C ALA B 257 -0.37 31.93 -3.50
N GLN B 258 -0.14 32.26 -2.24
CA GLN B 258 1.19 32.70 -1.79
C GLN B 258 1.94 31.59 -1.06
N GLY B 259 1.41 30.37 -1.13
CA GLY B 259 2.12 29.20 -0.68
C GLY B 259 1.53 27.97 -1.34
N VAL B 260 2.40 27.04 -1.73
CA VAL B 260 1.93 25.79 -2.32
C VAL B 260 2.68 24.62 -1.73
N LEU B 261 1.92 23.61 -1.29
CA LEU B 261 2.50 22.38 -0.79
C LEU B 261 2.17 21.26 -1.76
N MET B 262 3.18 20.52 -2.19
CA MET B 262 2.97 19.46 -3.16
C MET B 262 3.44 18.09 -2.66
N ASN B 263 2.58 17.10 -2.83
CA ASN B 263 2.91 15.72 -2.53
C ASN B 263 2.93 14.92 -3.81
N ILE B 264 4.10 14.38 -4.14
CA ILE B 264 4.18 13.42 -5.22
C ILE B 264 4.44 12.05 -4.61
N THR B 265 3.47 11.16 -4.78
CA THR B 265 3.52 9.81 -4.23
C THR B 265 3.62 8.85 -5.40
N GLY B 266 4.58 7.94 -5.32
CA GLY B 266 4.90 7.05 -6.42
C GLY B 266 5.69 5.88 -5.89
N GLY B 267 6.11 4.99 -6.77
CA GLY B 267 6.87 3.84 -6.35
C GLY B 267 8.36 4.11 -6.40
N GLU B 268 9.14 3.07 -6.62
CA GLU B 268 10.60 3.17 -6.60
C GLU B 268 11.15 3.71 -7.92
N SER B 269 10.33 3.72 -8.95
CA SER B 269 10.75 4.17 -10.25
C SER B 269 10.74 5.69 -10.33
N LEU B 270 10.22 6.33 -9.29
CA LEU B 270 10.08 7.78 -9.29
C LEU B 270 11.40 8.48 -8.97
N SER B 271 11.87 9.31 -9.88
CA SER B 271 13.18 9.96 -9.75
C SER B 271 13.05 11.42 -9.35
N LEU B 272 14.19 12.00 -8.99
CA LEU B 272 14.30 13.43 -8.70
C LEU B 272 13.94 14.27 -9.92
N PHE B 273 14.28 13.77 -11.09
CA PHE B 273 13.99 14.48 -12.32
C PHE B 273 12.50 14.57 -12.52
N GLU B 274 11.82 13.44 -12.31
CA GLU B 274 10.37 13.37 -12.45
C GLU B 274 9.65 14.26 -11.44
N ALA B 275 10.12 14.25 -10.21
CA ALA B 275 9.49 15.02 -9.14
C ALA B 275 9.53 16.51 -9.44
N GLN B 276 10.69 16.98 -9.88
CA GLN B 276 10.88 18.38 -10.22
C GLN B 276 10.06 18.74 -11.47
N GLU B 277 10.01 17.83 -12.42
CA GLU B 277 9.23 18.04 -13.65
C GLU B 277 7.77 18.28 -13.32
N ALA B 278 7.28 17.57 -12.31
CA ALA B 278 5.93 17.77 -11.80
C ALA B 278 5.85 19.07 -11.00
N ALA B 279 6.92 19.42 -10.32
CA ALA B 279 6.91 20.58 -9.44
C ALA B 279 7.07 21.87 -10.23
N ASP B 280 7.61 21.76 -11.43
CA ASP B 280 7.75 22.91 -12.32
C ASP B 280 6.37 23.35 -12.82
N ILE B 281 5.50 22.37 -13.06
CA ILE B 281 4.14 22.62 -13.51
C ILE B 281 3.31 23.32 -12.43
N VAL B 282 3.47 22.87 -11.20
CA VAL B 282 2.69 23.38 -10.08
C VAL B 282 3.18 24.77 -9.67
N GLN B 283 4.42 25.08 -10.02
CA GLN B 283 5.04 26.34 -9.63
C GLN B 283 4.80 27.43 -10.67
N ASP B 284 4.64 27.02 -11.93
CA ASP B 284 4.25 27.95 -12.99
C ASP B 284 2.83 28.45 -12.75
N ALA B 285 1.99 27.56 -12.23
CA ALA B 285 0.57 27.84 -12.07
C ALA B 285 0.26 28.78 -10.90
N ALA B 286 1.28 29.39 -10.31
CA ALA B 286 1.10 30.26 -9.17
C ALA B 286 1.91 31.54 -9.37
N ASP B 287 1.74 32.51 -8.47
CA ASP B 287 2.45 33.77 -8.57
C ASP B 287 3.93 33.44 -8.49
N GLU B 288 4.80 34.19 -9.14
CA GLU B 288 6.19 33.76 -9.21
C GLU B 288 6.91 34.06 -7.90
N ASP B 289 6.24 34.78 -7.01
CA ASP B 289 6.80 35.08 -5.71
C ASP B 289 6.13 34.18 -4.69
N VAL B 290 5.65 33.03 -5.16
CA VAL B 290 5.03 32.04 -4.29
C VAL B 290 6.12 31.30 -3.53
N ASN B 291 5.83 30.94 -2.29
CA ASN B 291 6.67 30.01 -1.56
C ASN B 291 6.17 28.61 -1.82
N MET B 292 6.88 27.85 -2.64
CA MET B 292 6.48 26.47 -2.92
C MET B 292 7.47 25.48 -2.36
N ILE B 293 6.96 24.48 -1.63
CA ILE B 293 7.80 23.39 -1.15
C ILE B 293 7.12 22.05 -1.45
N PHE B 294 7.91 21.09 -1.93
CA PHE B 294 7.40 19.77 -2.32
C PHE B 294 8.29 18.64 -1.83
N GLY B 295 7.77 17.42 -1.85
CA GLY B 295 8.49 16.26 -1.38
C GLY B 295 8.00 15.00 -2.07
N THR B 296 8.79 13.93 -2.00
CA THR B 296 8.46 12.70 -2.70
C THR B 296 8.17 11.58 -1.71
N VAL B 297 7.06 10.88 -1.91
CA VAL B 297 6.72 9.75 -1.06
C VAL B 297 6.79 8.45 -1.86
N ILE B 298 7.34 7.41 -1.25
CA ILE B 298 7.51 6.15 -1.96
C ILE B 298 6.61 5.07 -1.36
N ASN B 299 5.67 4.61 -2.17
CA ASN B 299 4.89 3.43 -1.85
C ASN B 299 5.32 2.39 -2.85
N PRO B 300 6.11 1.42 -2.38
CA PRO B 300 6.75 0.46 -3.29
C PRO B 300 5.72 -0.45 -3.95
N GLU B 301 4.47 -0.31 -3.51
CA GLU B 301 3.37 -1.11 -4.00
C GLU B 301 2.79 -0.43 -5.24
N LEU B 302 3.39 0.69 -5.62
CA LEU B 302 3.02 1.42 -6.81
C LEU B 302 4.14 1.13 -7.81
N GLN B 303 3.79 0.56 -8.95
CA GLN B 303 4.81 0.19 -9.91
C GLN B 303 5.05 1.32 -10.90
N ASP B 304 4.03 1.64 -11.70
CA ASP B 304 4.15 2.70 -12.68
C ASP B 304 3.18 3.85 -12.41
N GLU B 305 2.37 3.73 -11.36
CA GLU B 305 1.40 4.78 -11.01
C GLU B 305 2.07 5.95 -10.30
N ILE B 306 1.53 7.14 -10.52
CA ILE B 306 1.97 8.34 -9.82
C ILE B 306 0.75 9.16 -9.40
N VAL B 307 0.75 9.61 -8.15
CA VAL B 307 -0.30 10.50 -7.65
C VAL B 307 0.30 11.82 -7.16
N VAL B 308 -0.17 12.93 -7.72
CA VAL B 308 0.27 14.25 -7.27
C VAL B 308 -0.85 14.96 -6.51
N THR B 309 -0.54 15.38 -5.29
CA THR B 309 -1.48 16.13 -4.47
C THR B 309 -0.95 17.54 -4.28
N VAL B 310 -1.76 18.54 -4.59
CA VAL B 310 -1.37 19.92 -4.43
C VAL B 310 -2.26 20.63 -3.43
N ILE B 311 -1.65 21.31 -2.47
CA ILE B 311 -2.38 22.16 -1.53
C ILE B 311 -1.97 23.62 -1.71
N ALA B 312 -2.93 24.47 -2.05
CA ALA B 312 -2.65 25.86 -2.35
C ALA B 312 -3.05 26.74 -1.17
N THR B 313 -2.05 27.24 -0.46
CA THR B 313 -2.28 28.05 0.73
C THR B 313 -1.85 29.49 0.55
N GLY B 314 -2.38 30.36 1.41
CA GLY B 314 -2.03 31.76 1.41
C GLY B 314 -3.35 32.49 1.51
N PHE B 315 -3.38 33.75 1.10
CA PHE B 315 -4.66 34.43 0.94
C PHE B 315 -5.49 33.59 -0.02
N ASP B 316 -4.88 33.25 -1.15
CA ASP B 316 -5.41 32.27 -2.10
C ASP B 316 -6.69 32.74 -2.78
PB GDP C . 24.68 -19.33 -0.43
O1B GDP C . 25.76 -20.36 -0.58
O2B GDP C . 24.51 -19.02 1.04
O3B GDP C . 23.39 -19.86 -0.99
O3A GDP C . 25.15 -17.99 -1.18
PA GDP C . 24.13 -17.07 -2.02
O1A GDP C . 22.84 -16.90 -1.25
O2A GDP C . 24.73 -15.72 -2.32
O5' GDP C . 23.90 -17.89 -3.38
C5' GDP C . 24.51 -17.43 -4.58
C4' GDP C . 23.52 -17.40 -5.73
O4' GDP C . 22.39 -16.61 -5.33
C3' GDP C . 24.15 -16.72 -6.93
O3' GDP C . 24.30 -17.63 -8.01
C2' GDP C . 23.24 -15.55 -7.28
O2' GDP C . 22.65 -15.71 -8.58
C1' GDP C . 22.16 -15.53 -6.23
N9 GDP C . 22.23 -14.26 -5.45
C8 GDP C . 23.34 -13.72 -4.90
N7 GDP C . 23.05 -12.56 -4.24
C5 GDP C . 21.73 -12.35 -4.36
C6 GDP C . 20.75 -11.33 -3.90
O6 GDP C . 21.12 -10.34 -3.23
N1 GDP C . 19.48 -11.49 -4.24
C2 GDP C . 19.06 -12.55 -4.98
N2 GDP C . 17.74 -12.66 -5.29
N3 GDP C . 19.88 -13.52 -5.43
C4 GDP C . 21.20 -13.47 -5.15
PB GDP D . -23.53 15.74 13.38
O1B GDP D . -22.97 14.37 13.68
O2B GDP D . -24.55 16.11 14.43
O3B GDP D . -22.42 16.77 13.40
O3A GDP D . -24.22 15.76 11.94
PA GDP D . -23.59 14.96 10.69
O1A GDP D . -22.30 14.27 11.03
O2A GDP D . -24.60 13.97 10.13
O5' GDP D . -23.34 16.16 9.63
C5' GDP D . -24.21 16.30 8.52
C4' GDP D . -23.42 16.77 7.30
O4' GDP D . -22.27 15.93 7.17
C3' GDP D . -24.27 16.56 6.05
O3' GDP D . -24.71 17.82 5.54
C2' GDP D . -23.38 15.84 5.07
O2' GDP D . -22.94 16.74 4.05
C1' GDP D . -22.17 15.36 5.87
N9 GDP D . -22.18 13.87 5.98
C8 GDP D . -23.19 13.11 6.44
N7 GDP D . -22.86 11.80 6.43
C5 GDP D . -21.60 11.69 5.97
C6 GDP D . -20.64 10.59 5.70
O6 GDP D . -20.92 9.39 5.92
N1 GDP D . -19.44 10.92 5.23
C2 GDP D . -19.08 12.20 4.98
N2 GDP D . -17.85 12.44 4.49
N3 GDP D . -19.91 13.25 5.19
C4 GDP D . -21.16 13.07 5.68
#